data_1NMQ
#
_entry.id   1NMQ
#
_cell.length_a   68.858
_cell.length_b   89.043
_cell.length_c   96.531
_cell.angle_alpha   90.00
_cell.angle_beta   90.00
_cell.angle_gamma   90.00
#
_symmetry.space_group_name_H-M   'P 21 21 21'
#
loop_
_entity.id
_entity.type
_entity.pdbx_description
1 polymer Caspase-3
2 non-polymer '3-(3-{2-[(5-METHANESULFONYL-THIOPHENE-2-CARBONYL)-AMINO]-ETHYLDISULFANYLMETHYL}- BENZENESULFONYLAMINO)-4-OXO-PENTANOIC ACID'
3 water water
#
_entity_poly.entity_id   1
_entity_poly.type   'polypeptide(L)'
_entity_poly.pdbx_seq_one_letter_code
;SGISLDNSYKMDYPEMGLCIIINNKNFHKSTGMTSRSGTDVDAANLRETFRNLKYEVRNKNDLTREEIVELMRDVSKEDH
SKRSSFVCVLLSHGEEGIIFGTNGPVDLKKITNFFRGDRCRSLTGKPKLFIIQACRGTELDCGIETDSGVDDDMACHKIP
VDADFLYAYSTAPGYYSWRNSKDGSWFIQSLCAMLKQYADKLEFMHILTRVNRKVATEFESFSFDATFHAKKQIPCIVSM
LTKELYFYH
;
_entity_poly.pdbx_strand_id   A,B
#
loop_
_chem_comp.id
_chem_comp.type
_chem_comp.name
_chem_comp.formula
160 non-polymer '3-(3-{2-[(5-METHANESULFONYL-THIOPHENE-2-CARBONYL)-AMINO]-ETHYLDISULFANYLMETHYL}- BENZENESULFONYLAMINO)-4-OXO-PENTANOIC ACID' 'C20 H24 N2 O8 S5'
#
# COMPACT_ATOMS: atom_id res chain seq x y z
N ASP A 6 8.50 -12.51 -18.54
CA ASP A 6 9.17 -11.78 -17.43
C ASP A 6 8.16 -11.01 -16.59
N ASN A 7 7.10 -11.68 -16.14
CA ASN A 7 6.14 -11.04 -15.28
C ASN A 7 6.57 -11.18 -13.81
N SER A 8 7.54 -12.05 -13.55
CA SER A 8 8.05 -12.22 -12.20
C SER A 8 9.54 -11.91 -12.08
N TYR A 9 9.95 -11.42 -10.91
CA TYR A 9 11.35 -11.09 -10.65
C TYR A 9 12.29 -12.29 -10.79
N LYS A 10 13.47 -12.02 -11.33
CA LYS A 10 14.50 -13.01 -11.44
C LYS A 10 14.93 -13.36 -10.02
N MET A 11 14.62 -14.58 -9.59
CA MET A 11 14.93 -15.07 -8.26
C MET A 11 15.89 -16.27 -8.31
N ASP A 12 16.68 -16.35 -9.37
CA ASP A 12 17.63 -17.45 -9.51
C ASP A 12 19.08 -16.98 -9.51
N TYR A 13 19.36 -15.84 -8.87
CA TYR A 13 20.73 -15.39 -8.70
C TYR A 13 21.35 -16.39 -7.73
N PRO A 14 22.66 -16.35 -7.54
CA PRO A 14 23.32 -17.32 -6.66
C PRO A 14 22.82 -17.20 -5.23
N GLU A 15 22.34 -16.03 -4.85
CA GLU A 15 21.85 -15.82 -3.49
C GLU A 15 20.51 -15.09 -3.46
N MET A 16 19.63 -15.53 -2.56
CA MET A 16 18.33 -14.88 -2.38
C MET A 16 18.51 -13.45 -1.95
N GLY A 17 19.36 -13.25 -0.95
CA GLY A 17 19.65 -11.91 -0.48
C GLY A 17 19.78 -11.79 1.02
N LEU A 18 20.10 -10.57 1.47
CA LEU A 18 20.18 -10.28 2.90
C LEU A 18 18.80 -10.13 3.55
N CYS A 19 18.71 -10.46 4.83
CA CYS A 19 17.50 -10.21 5.61
C CYS A 19 17.94 -9.61 6.96
N ILE A 20 17.90 -8.28 7.04
CA ILE A 20 18.33 -7.56 8.23
C ILE A 20 17.16 -7.41 9.19
N ILE A 21 17.32 -7.92 10.40
CA ILE A 21 16.29 -7.81 11.42
C ILE A 21 16.78 -6.92 12.55
N ILE A 22 16.15 -5.75 12.67
CA ILE A 22 16.47 -4.84 13.75
C ILE A 22 15.44 -5.04 14.85
N ASN A 23 15.90 -5.60 15.96
CA ASN A 23 15.04 -5.97 17.06
C ASN A 23 15.28 -5.09 18.27
N ASN A 24 14.49 -4.04 18.41
CA ASN A 24 14.65 -3.15 19.54
C ASN A 24 13.68 -3.51 20.66
N LYS A 25 14.23 -3.92 21.80
CA LYS A 25 13.42 -4.40 22.92
C LYS A 25 13.50 -3.50 24.14
N ASN A 26 14.70 -3.03 24.44
CA ASN A 26 14.93 -2.16 25.60
C ASN A 26 15.31 -0.76 25.18
N PHE A 27 14.57 0.22 25.69
CA PHE A 27 14.82 1.60 25.34
C PHE A 27 15.36 2.38 26.52
N HIS A 28 15.98 3.52 26.21
CA HIS A 28 16.54 4.39 27.22
C HIS A 28 15.42 5.01 28.03
N LYS A 29 15.61 4.98 29.35
CA LYS A 29 14.65 5.54 30.29
C LYS A 29 14.27 6.92 29.82
N SER A 30 15.27 7.63 29.32
CA SER A 30 15.13 8.99 28.87
C SER A 30 14.03 9.19 27.83
N THR A 31 13.60 8.12 27.17
CA THR A 31 12.58 8.22 26.13
C THR A 31 11.18 8.00 26.68
N GLY A 32 11.10 7.39 27.85
CA GLY A 32 9.82 7.08 28.45
C GLY A 32 9.10 6.04 27.61
N MET A 33 9.80 4.95 27.31
CA MET A 33 9.20 3.89 26.52
C MET A 33 9.40 2.51 27.13
N THR A 34 8.31 1.74 27.14
CA THR A 34 8.28 0.41 27.72
C THR A 34 9.10 -0.60 26.92
N SER A 35 9.52 -1.66 27.60
CA SER A 35 10.22 -2.72 26.92
C SER A 35 9.21 -3.43 26.03
N ARG A 36 9.67 -3.93 24.90
CA ARG A 36 8.79 -4.62 23.96
C ARG A 36 8.75 -6.13 24.24
N SER A 37 8.21 -6.49 25.39
CA SER A 37 8.07 -7.89 25.77
C SER A 37 7.52 -8.69 24.61
N GLY A 38 8.19 -9.81 24.31
CA GLY A 38 7.75 -10.72 23.27
C GLY A 38 8.44 -10.54 21.93
N THR A 39 9.08 -9.41 21.73
CA THR A 39 9.71 -9.12 20.45
C THR A 39 10.78 -10.14 20.08
N ASP A 40 11.37 -10.77 21.10
CA ASP A 40 12.39 -11.79 20.85
C ASP A 40 11.75 -12.97 20.13
N VAL A 41 10.54 -13.35 20.53
CA VAL A 41 9.84 -14.43 19.84
C VAL A 41 9.66 -14.02 18.36
N ASP A 42 9.32 -12.75 18.15
CA ASP A 42 9.20 -12.25 16.79
C ASP A 42 10.50 -12.48 16.03
N ALA A 43 11.60 -12.02 16.62
CA ALA A 43 12.91 -12.12 15.98
C ALA A 43 13.27 -13.54 15.64
N ALA A 44 13.09 -14.43 16.60
CA ALA A 44 13.45 -15.83 16.40
C ALA A 44 12.65 -16.47 15.29
N ASN A 45 11.37 -16.13 15.21
CA ASN A 45 10.49 -16.67 14.17
C ASN A 45 10.86 -16.17 12.75
N LEU A 46 11.15 -14.87 12.63
CA LEU A 46 11.59 -14.32 11.36
C LEU A 46 12.94 -14.97 10.91
N ARG A 47 13.86 -15.13 11.85
CA ARG A 47 15.15 -15.74 11.52
C ARG A 47 14.96 -17.11 10.93
N GLU A 48 14.17 -17.92 11.62
CA GLU A 48 13.97 -19.29 11.17
C GLU A 48 13.24 -19.32 9.85
N THR A 49 12.20 -18.51 9.75
CA THR A 49 11.38 -18.45 8.56
C THR A 49 12.21 -18.00 7.38
N PHE A 50 13.02 -16.96 7.57
CA PHE A 50 13.77 -16.45 6.45
C PHE A 50 14.93 -17.34 6.08
N ARG A 51 15.41 -18.10 7.06
CA ARG A 51 16.47 -19.06 6.82
C ARG A 51 15.96 -20.12 5.87
N ASN A 52 14.74 -20.59 6.09
CA ASN A 52 14.19 -21.62 5.21
C ASN A 52 13.96 -21.09 3.82
N LEU A 53 13.86 -19.77 3.69
CA LEU A 53 13.64 -19.17 2.38
C LEU A 53 14.95 -18.97 1.63
N LYS A 54 16.07 -19.32 2.28
CA LYS A 54 17.42 -19.19 1.74
C LYS A 54 17.98 -17.76 1.78
N TYR A 55 17.57 -17.00 2.79
CA TYR A 55 18.07 -15.64 2.97
C TYR A 55 19.25 -15.59 3.95
N GLU A 56 20.20 -14.72 3.69
CA GLU A 56 21.28 -14.54 4.65
C GLU A 56 20.75 -13.65 5.78
N VAL A 57 20.53 -14.23 6.95
CA VAL A 57 19.94 -13.46 8.05
C VAL A 57 20.94 -12.90 9.02
N ARG A 58 20.83 -11.60 9.29
CA ARG A 58 21.69 -10.90 10.24
C ARG A 58 20.81 -10.17 11.28
N ASN A 59 20.78 -10.66 12.52
CA ASN A 59 19.98 -10.02 13.57
C ASN A 59 20.72 -8.89 14.26
N LYS A 60 20.02 -7.83 14.61
CA LYS A 60 20.63 -6.73 15.34
C LYS A 60 19.72 -6.30 16.49
N ASN A 61 20.22 -6.39 17.72
CA ASN A 61 19.39 -6.09 18.90
C ASN A 61 19.63 -4.74 19.54
N ASP A 62 18.55 -4.05 19.89
CA ASP A 62 18.66 -2.78 20.58
C ASP A 62 19.63 -1.80 19.94
N LEU A 63 19.27 -1.29 18.77
CA LEU A 63 20.11 -0.33 18.08
C LEU A 63 19.64 1.10 18.32
N THR A 64 20.58 2.04 18.39
CA THR A 64 20.28 3.43 18.58
C THR A 64 19.88 4.05 17.25
N ARG A 65 19.20 5.18 17.31
CA ARG A 65 18.80 5.84 16.09
C ARG A 65 20.02 5.92 15.18
N GLU A 66 21.16 6.29 15.77
CA GLU A 66 22.40 6.40 15.00
C GLU A 66 22.85 5.04 14.46
N GLU A 67 22.82 4.03 15.32
CA GLU A 67 23.26 2.72 14.90
C GLU A 67 22.42 2.18 13.73
N ILE A 68 21.16 2.58 13.69
CA ILE A 68 20.28 2.12 12.61
C ILE A 68 20.63 2.81 11.30
N VAL A 69 20.74 4.13 11.33
CA VAL A 69 21.16 4.87 10.14
C VAL A 69 22.46 4.29 9.61
N GLU A 70 23.38 4.04 10.53
CA GLU A 70 24.69 3.49 10.20
C GLU A 70 24.58 2.10 9.59
N LEU A 71 23.73 1.25 10.18
CA LEU A 71 23.61 -0.11 9.70
C LEU A 71 23.11 -0.12 8.26
N MET A 72 22.14 0.75 8.01
CA MET A 72 21.51 0.85 6.71
C MET A 72 22.44 1.42 5.67
N ARG A 73 23.17 2.46 6.06
CA ARG A 73 24.13 3.04 5.14
C ARG A 73 25.06 1.94 4.68
N ASP A 74 25.65 1.26 5.66
CA ASP A 74 26.64 0.23 5.35
C ASP A 74 26.06 -0.85 4.46
N VAL A 75 24.88 -1.35 4.81
CA VAL A 75 24.32 -2.40 4.00
C VAL A 75 23.98 -1.94 2.59
N SER A 76 23.56 -0.70 2.43
CA SER A 76 23.27 -0.20 1.11
C SER A 76 24.56 -0.09 0.32
N LYS A 77 25.68 -0.01 1.04
CA LYS A 77 26.97 0.16 0.36
C LYS A 77 27.64 -1.14 -0.05
N GLU A 78 26.99 -2.26 0.27
CA GLU A 78 27.50 -3.56 -0.14
C GLU A 78 27.26 -3.83 -1.62
N ASP A 79 27.98 -4.80 -2.16
CA ASP A 79 27.79 -5.22 -3.53
C ASP A 79 26.73 -6.29 -3.50
N HIS A 80 25.53 -5.97 -3.93
CA HIS A 80 24.44 -6.94 -3.91
C HIS A 80 24.26 -7.58 -5.27
N SER A 81 25.24 -7.39 -6.16
CA SER A 81 25.14 -7.91 -7.51
C SER A 81 24.68 -9.35 -7.59
N LYS A 82 25.17 -10.17 -6.69
CA LYS A 82 24.85 -11.58 -6.72
C LYS A 82 23.60 -11.93 -5.91
N ARG A 83 22.87 -10.92 -5.45
CA ARG A 83 21.68 -11.19 -4.63
C ARG A 83 20.37 -10.90 -5.34
N SER A 84 19.40 -11.77 -5.16
CA SER A 84 18.11 -11.58 -5.85
C SER A 84 17.26 -10.45 -5.26
N SER A 85 17.33 -10.27 -3.95
CA SER A 85 16.47 -9.30 -3.31
C SER A 85 17.07 -8.75 -2.05
N PHE A 86 16.24 -8.03 -1.30
CA PHE A 86 16.64 -7.43 -0.04
C PHE A 86 15.45 -7.31 0.92
N VAL A 87 15.63 -7.84 2.12
CA VAL A 87 14.61 -7.83 3.16
C VAL A 87 15.14 -7.18 4.43
N CYS A 88 14.35 -6.26 4.97
CA CYS A 88 14.67 -5.57 6.23
C CYS A 88 13.45 -5.62 7.13
N VAL A 89 13.63 -6.07 8.35
CA VAL A 89 12.50 -6.15 9.27
C VAL A 89 12.76 -5.27 10.48
N LEU A 90 11.87 -4.31 10.72
CA LEU A 90 12.02 -3.38 11.83
C LEU A 90 11.01 -3.66 12.93
N LEU A 91 11.50 -4.07 14.09
CA LEU A 91 10.62 -4.36 15.21
C LEU A 91 10.93 -3.36 16.31
N SER A 92 9.99 -2.48 16.58
CA SER A 92 10.23 -1.43 17.52
C SER A 92 8.97 -0.65 17.76
N HIS A 93 9.04 0.35 18.63
CA HIS A 93 7.93 1.28 18.81
C HIS A 93 8.04 2.18 17.59
N GLY A 94 6.96 2.93 17.32
CA GLY A 94 6.91 3.86 16.22
C GLY A 94 5.69 4.77 16.17
N GLU A 95 5.71 5.66 15.19
CA GLU A 95 4.62 6.60 14.90
C GLU A 95 4.51 6.65 13.37
N GLU A 96 3.53 7.39 12.85
CA GLU A 96 3.40 7.49 11.40
C GLU A 96 4.71 7.94 10.80
N GLY A 97 5.23 7.13 9.87
CA GLY A 97 6.47 7.42 9.17
C GLY A 97 7.72 7.38 10.02
N ILE A 98 7.58 6.89 11.26
CA ILE A 98 8.70 6.89 12.20
C ILE A 98 8.93 5.53 12.87
N ILE A 99 10.19 5.20 13.11
CA ILE A 99 10.52 3.98 13.82
C ILE A 99 11.51 4.40 14.91
N PHE A 100 11.42 3.81 16.09
CA PHE A 100 12.29 4.25 17.18
C PHE A 100 13.53 3.40 17.39
N GLY A 101 14.66 4.09 17.49
CA GLY A 101 15.87 3.45 17.96
C GLY A 101 15.75 3.47 19.48
N THR A 102 16.65 2.79 20.17
CA THR A 102 16.63 2.73 21.62
C THR A 102 16.64 4.11 22.29
N ASN A 103 17.22 5.09 21.62
CA ASN A 103 17.37 6.40 22.23
C ASN A 103 16.59 7.49 21.53
N GLY A 104 15.75 7.11 20.57
CA GLY A 104 15.02 8.10 19.81
C GLY A 104 14.52 7.61 18.46
N PRO A 105 13.75 8.46 17.80
CA PRO A 105 13.06 8.10 16.55
C PRO A 105 13.88 8.33 15.29
N VAL A 106 13.61 7.50 14.28
CA VAL A 106 14.23 7.57 12.98
C VAL A 106 13.12 7.67 11.95
N ASP A 107 13.29 8.51 10.93
CA ASP A 107 12.31 8.59 9.85
C ASP A 107 12.48 7.37 8.95
N LEU A 108 11.38 6.70 8.61
CA LEU A 108 11.47 5.53 7.76
C LEU A 108 12.07 5.86 6.41
N LYS A 109 11.74 7.04 5.92
CA LYS A 109 12.20 7.49 4.61
C LYS A 109 13.73 7.53 4.58
N LYS A 110 14.34 7.97 5.68
CA LYS A 110 15.79 8.00 5.76
C LYS A 110 16.34 6.58 5.58
N ILE A 111 15.71 5.61 6.23
CA ILE A 111 16.15 4.24 6.11
C ILE A 111 16.00 3.73 4.68
N THR A 112 14.83 3.90 4.10
CA THR A 112 14.60 3.34 2.77
C THR A 112 15.28 4.09 1.63
N ASN A 113 15.62 5.37 1.85
CA ASN A 113 16.26 6.15 0.81
C ASN A 113 17.63 5.61 0.41
N PHE A 114 18.34 4.98 1.34
CA PHE A 114 19.62 4.38 1.00
C PHE A 114 19.45 3.36 -0.12
N PHE A 115 18.26 2.83 -0.25
CA PHE A 115 18.02 1.77 -1.22
C PHE A 115 17.35 2.23 -2.52
N ARG A 116 17.07 3.53 -2.59
CA ARG A 116 16.55 4.08 -3.84
C ARG A 116 17.31 3.51 -5.04
N GLY A 117 16.58 3.26 -6.14
CA GLY A 117 17.18 2.73 -7.34
C GLY A 117 18.39 3.49 -7.84
N ASP A 118 18.50 4.78 -7.49
CA ASP A 118 19.67 5.57 -7.87
C ASP A 118 20.82 5.55 -6.86
N ARG A 119 20.55 5.14 -5.62
CA ARG A 119 21.60 5.14 -4.60
C ARG A 119 22.15 3.74 -4.23
N CYS A 120 21.51 2.69 -4.72
CA CYS A 120 22.00 1.34 -4.48
C CYS A 120 21.91 0.54 -5.76
N ARG A 121 22.83 0.86 -6.67
CA ARG A 121 22.88 0.31 -8.00
C ARG A 121 22.86 -1.18 -8.14
N SER A 122 23.31 -1.91 -7.12
CA SER A 122 23.29 -3.37 -7.25
C SER A 122 21.94 -3.94 -6.86
N LEU A 123 21.00 -3.09 -6.51
CA LEU A 123 19.68 -3.60 -6.20
C LEU A 123 18.66 -3.02 -7.19
N THR A 124 19.12 -2.18 -8.12
CA THR A 124 18.22 -1.62 -9.12
C THR A 124 17.52 -2.75 -9.86
N GLY A 125 16.20 -2.71 -9.94
CA GLY A 125 15.46 -3.76 -10.63
C GLY A 125 15.23 -4.97 -9.74
N LYS A 126 15.57 -4.81 -8.47
CA LYS A 126 15.42 -5.92 -7.55
C LYS A 126 14.47 -5.51 -6.47
N PRO A 127 13.65 -6.45 -6.03
CA PRO A 127 12.63 -6.16 -5.00
C PRO A 127 13.28 -5.89 -3.65
N LYS A 128 12.88 -4.79 -3.02
CA LYS A 128 13.38 -4.39 -1.72
C LYS A 128 12.23 -4.41 -0.71
N LEU A 129 12.20 -5.42 0.15
CA LEU A 129 11.11 -5.55 1.12
C LEU A 129 11.41 -4.98 2.49
N PHE A 130 10.51 -4.13 2.98
CA PHE A 130 10.59 -3.61 4.35
C PHE A 130 9.38 -4.11 5.12
N ILE A 131 9.63 -4.91 6.15
CA ILE A 131 8.55 -5.42 7.00
C ILE A 131 8.65 -4.66 8.32
N ILE A 132 7.55 -4.03 8.73
CA ILE A 132 7.57 -3.11 9.86
C ILE A 132 6.53 -3.36 10.93
N GLN A 133 6.99 -3.79 12.12
CA GLN A 133 6.12 -3.99 13.25
C GLN A 133 6.35 -2.80 14.14
N ALA A 134 5.42 -1.84 14.06
CA ALA A 134 5.50 -0.65 14.85
C ALA A 134 4.19 0.11 14.74
N CYS A 135 3.87 0.93 15.74
CA CYS A 135 2.66 1.74 15.70
C CYS A 135 2.80 2.86 14.67
N ARG A 136 1.66 3.31 14.17
CA ARG A 136 1.60 4.36 13.16
C ARG A 136 0.66 5.43 13.69
N GLY A 137 0.49 5.48 15.01
CA GLY A 137 -0.38 6.44 15.63
C GLY A 137 -1.08 5.90 16.86
N THR A 138 -2.14 6.58 17.30
CA THR A 138 -2.79 6.21 18.54
C THR A 138 -4.27 5.90 18.31
N GLU A 139 -4.66 5.77 17.04
CA GLU A 139 -6.04 5.42 16.74
C GLU A 139 -6.27 3.96 17.04
N LEU A 140 -7.46 3.67 17.53
CA LEU A 140 -7.87 2.32 17.88
C LEU A 140 -9.00 1.85 16.95
N ASP A 141 -9.00 0.56 16.66
CA ASP A 141 -10.02 -0.01 15.79
C ASP A 141 -10.94 -0.93 16.61
N CYS A 142 -12.18 -0.48 16.84
CA CYS A 142 -13.15 -1.19 17.66
C CYS A 142 -13.88 -2.33 16.94
N GLY A 143 -13.72 -2.37 15.63
CA GLY A 143 -14.27 -3.43 14.81
C GLY A 143 -15.78 -3.43 14.71
N ILE A 144 -16.29 -4.35 13.91
CA ILE A 144 -17.72 -4.51 13.71
C ILE A 144 -18.02 -6.01 13.73
N GLU A 145 -19.12 -6.38 14.38
CA GLU A 145 -19.54 -7.78 14.49
C GLU A 145 -19.89 -8.37 13.13
N THR A 146 -19.64 -9.66 12.94
CA THR A 146 -19.99 -10.32 11.70
C THR A 146 -21.10 -11.35 11.91
N ASP A 151 2.94 7.39 -29.61
CA ASP A 151 3.99 8.40 -29.61
C ASP A 151 5.11 8.00 -28.65
N ASP A 152 6.04 8.93 -28.43
CA ASP A 152 7.17 8.81 -27.49
C ASP A 152 7.37 7.48 -26.72
N ASP A 153 8.60 6.96 -26.74
CA ASP A 153 8.95 5.74 -26.01
C ASP A 153 9.72 6.06 -24.73
N CYS A 156 17.29 6.90 -23.32
CA CYS A 156 16.68 6.99 -22.00
C CYS A 156 15.67 5.87 -21.73
N HIS A 157 16.12 4.86 -21.01
CA HIS A 157 15.30 3.76 -20.55
C HIS A 157 15.50 3.82 -19.07
N LYS A 158 14.70 4.65 -18.42
CA LYS A 158 14.80 4.84 -17.00
C LYS A 158 13.66 4.14 -16.28
N ILE A 159 13.87 3.84 -15.01
CA ILE A 159 12.79 3.39 -14.15
C ILE A 159 12.80 4.31 -12.96
N PRO A 160 11.65 4.50 -12.33
CA PRO A 160 11.58 5.35 -11.13
C PRO A 160 12.54 4.92 -10.03
N VAL A 161 13.11 5.86 -9.29
CA VAL A 161 14.00 5.48 -8.18
C VAL A 161 13.22 4.90 -7.00
N ASP A 162 11.93 5.18 -6.92
CA ASP A 162 11.14 4.70 -5.78
C ASP A 162 10.46 3.38 -6.09
N ALA A 163 10.67 2.87 -7.30
CA ALA A 163 10.09 1.62 -7.73
C ALA A 163 10.80 0.40 -7.17
N ASP A 164 10.08 -0.71 -7.19
CA ASP A 164 10.56 -2.01 -6.73
C ASP A 164 10.70 -2.06 -5.21
N PHE A 165 9.89 -1.26 -4.54
CA PHE A 165 9.84 -1.31 -3.11
C PHE A 165 8.52 -1.92 -2.65
N LEU A 166 8.57 -2.63 -1.53
CA LEU A 166 7.37 -3.15 -0.89
C LEU A 166 7.50 -2.94 0.61
N TYR A 167 6.50 -2.29 1.16
CA TYR A 167 6.49 -1.98 2.57
C TYR A 167 5.32 -2.74 3.15
N ALA A 168 5.62 -3.76 3.95
CA ALA A 168 4.57 -4.55 4.57
C ALA A 168 4.37 -4.02 6.00
N TYR A 169 3.40 -3.14 6.17
CA TYR A 169 3.15 -2.54 7.46
C TYR A 169 2.27 -3.40 8.32
N SER A 170 2.60 -3.49 9.59
CA SER A 170 1.80 -4.30 10.53
C SER A 170 0.41 -3.71 10.76
N THR A 171 0.20 -2.47 10.35
CA THR A 171 -1.07 -1.85 10.64
C THR A 171 -1.37 -0.68 9.69
N ALA A 172 -2.62 -0.24 9.69
CA ALA A 172 -3.09 0.86 8.85
C ALA A 172 -2.54 2.15 9.37
N PRO A 173 -2.44 3.14 8.49
CA PRO A 173 -1.96 4.47 8.88
C PRO A 173 -2.76 5.10 10.02
N GLY A 174 -2.05 5.70 10.97
CA GLY A 174 -2.66 6.35 12.12
C GLY A 174 -2.98 5.44 13.29
N TYR A 175 -2.90 4.14 13.09
CA TYR A 175 -3.33 3.18 14.09
C TYR A 175 -2.23 2.55 14.96
N TYR A 176 -2.65 2.03 16.10
CA TYR A 176 -1.82 1.29 17.04
C TYR A 176 -1.54 -0.06 16.38
N SER A 177 -0.43 -0.68 16.74
CA SER A 177 -0.13 -2.02 16.27
C SER A 177 0.01 -2.91 17.49
N TRP A 178 -0.60 -4.08 17.45
CA TRP A 178 -0.67 -4.96 18.64
C TRP A 178 0.42 -6.04 18.80
N ARG A 179 0.95 -6.14 20.02
CA ARG A 179 2.01 -7.10 20.32
C ARG A 179 1.70 -7.85 21.60
N ASN A 180 1.63 -9.18 21.51
CA ASN A 180 1.37 -10.01 22.67
C ASN A 180 2.63 -10.42 23.42
N SER A 181 2.60 -10.24 24.74
CA SER A 181 3.75 -10.48 25.61
C SER A 181 4.44 -11.83 25.47
N LYS A 182 3.71 -12.89 25.16
CA LYS A 182 4.34 -14.20 25.14
C LYS A 182 4.52 -14.76 23.77
N ASP A 183 3.62 -14.41 22.86
CA ASP A 183 3.67 -14.95 21.50
C ASP A 183 4.22 -13.99 20.46
N GLY A 184 4.40 -12.73 20.82
CA GLY A 184 4.93 -11.76 19.86
C GLY A 184 3.86 -10.84 19.26
N SER A 185 4.22 -10.14 18.19
CA SER A 185 3.25 -9.26 17.51
C SER A 185 2.28 -10.11 16.71
N TRP A 186 1.04 -9.63 16.60
CA TRP A 186 0.01 -10.35 15.87
C TRP A 186 0.48 -10.48 14.42
N PHE A 187 1.01 -9.39 13.90
CA PHE A 187 1.45 -9.33 12.50
C PHE A 187 2.57 -10.28 12.18
N ILE A 188 3.64 -10.26 12.98
CA ILE A 188 4.80 -11.12 12.69
C ILE A 188 4.46 -12.60 12.84
N GLN A 189 3.68 -12.95 13.86
CA GLN A 189 3.32 -14.35 13.99
C GLN A 189 2.58 -14.81 12.74
N SER A 190 1.67 -13.97 12.23
CA SER A 190 0.90 -14.34 11.05
C SER A 190 1.73 -14.35 9.76
N LEU A 191 2.60 -13.37 9.61
CA LEU A 191 3.44 -13.34 8.44
C LEU A 191 4.27 -14.62 8.36
N CYS A 192 4.92 -14.96 9.47
CA CYS A 192 5.76 -16.15 9.52
C CYS A 192 4.97 -17.39 9.18
N ALA A 193 3.80 -17.55 9.80
CA ALA A 193 2.98 -18.71 9.54
C ALA A 193 2.60 -18.79 8.07
N MET A 194 2.17 -17.67 7.52
CA MET A 194 1.74 -17.67 6.14
C MET A 194 2.92 -17.96 5.23
N LEU A 195 4.10 -17.44 5.57
CA LEU A 195 5.26 -17.72 4.73
C LEU A 195 5.59 -19.19 4.78
N LYS A 196 5.51 -19.79 5.98
CA LYS A 196 5.84 -21.21 6.14
C LYS A 196 4.90 -22.07 5.35
N GLN A 197 3.64 -21.71 5.36
CA GLN A 197 2.64 -22.50 4.67
C GLN A 197 2.59 -22.26 3.16
N TYR A 198 2.83 -21.03 2.72
CA TYR A 198 2.60 -20.73 1.30
C TYR A 198 3.77 -20.24 0.46
N ALA A 199 4.90 -19.97 1.07
CA ALA A 199 6.04 -19.43 0.33
C ALA A 199 6.44 -20.31 -0.85
N ASP A 200 6.07 -21.59 -0.83
CA ASP A 200 6.50 -22.47 -1.91
C ASP A 200 5.52 -22.51 -3.10
N LYS A 201 4.35 -21.90 -2.94
CA LYS A 201 3.38 -21.90 -4.03
C LYS A 201 2.79 -20.53 -4.40
N LEU A 202 2.65 -19.63 -3.44
CA LEU A 202 1.94 -18.37 -3.68
C LEU A 202 2.80 -17.15 -3.94
N GLU A 203 2.28 -16.24 -4.76
CA GLU A 203 2.96 -14.97 -5.03
C GLU A 203 2.96 -14.16 -3.72
N PHE A 204 3.99 -13.36 -3.52
CA PHE A 204 4.11 -12.59 -2.28
C PHE A 204 2.82 -11.84 -1.93
N MET A 205 2.33 -10.99 -2.81
CA MET A 205 1.09 -10.25 -2.55
C MET A 205 -0.07 -11.11 -2.01
N HIS A 206 -0.27 -12.28 -2.60
CA HIS A 206 -1.35 -13.14 -2.18
C HIS A 206 -1.07 -13.69 -0.79
N ILE A 207 0.20 -13.93 -0.50
CA ILE A 207 0.53 -14.41 0.82
C ILE A 207 0.20 -13.32 1.81
N LEU A 208 0.55 -12.09 1.43
CA LEU A 208 0.37 -10.96 2.33
C LEU A 208 -1.12 -10.67 2.58
N THR A 209 -1.95 -11.12 1.65
CA THR A 209 -3.36 -10.94 1.78
C THR A 209 -3.91 -11.95 2.77
N ARG A 210 -3.38 -13.19 2.75
CA ARG A 210 -3.71 -14.18 3.78
C ARG A 210 -3.35 -13.61 5.16
N VAL A 211 -2.18 -12.97 5.25
CA VAL A 211 -1.76 -12.37 6.53
C VAL A 211 -2.81 -11.36 7.00
N ASN A 212 -3.20 -10.47 6.10
CA ASN A 212 -4.24 -9.49 6.39
C ASN A 212 -5.46 -10.18 6.98
N ARG A 213 -5.91 -11.26 6.33
CA ARG A 213 -7.09 -11.98 6.80
C ARG A 213 -6.86 -12.59 8.17
N LYS A 214 -5.74 -13.29 8.34
CA LYS A 214 -5.47 -13.98 9.61
C LYS A 214 -5.48 -12.99 10.77
N VAL A 215 -4.73 -11.90 10.63
CA VAL A 215 -4.70 -10.86 11.65
C VAL A 215 -6.08 -10.27 11.91
N ALA A 216 -6.81 -9.96 10.85
CA ALA A 216 -8.14 -9.33 11.01
C ALA A 216 -9.26 -10.20 11.61
N THR A 217 -9.11 -11.52 11.53
CA THR A 217 -10.17 -12.39 11.98
C THR A 217 -9.83 -13.13 13.26
N GLU A 218 -8.58 -13.60 13.37
CA GLU A 218 -8.18 -14.45 14.48
C GLU A 218 -7.63 -13.69 15.67
N PHE A 219 -7.49 -12.37 15.55
CA PHE A 219 -6.95 -11.61 16.68
C PHE A 219 -7.90 -10.54 17.23
N GLU A 220 -7.96 -10.46 18.56
CA GLU A 220 -8.68 -9.39 19.25
C GLU A 220 -8.04 -9.11 20.60
N SER A 221 -7.80 -7.84 20.91
CA SER A 221 -7.14 -7.51 22.17
C SER A 221 -8.00 -7.87 23.37
N PHE A 222 -7.34 -8.19 24.47
CA PHE A 222 -7.98 -8.46 25.73
C PHE A 222 -7.23 -7.64 26.73
N SER A 223 -7.92 -6.74 27.41
CA SER A 223 -7.24 -5.90 28.37
C SER A 223 -8.12 -5.57 29.54
N PHE A 224 -7.49 -5.40 30.71
CA PHE A 224 -8.20 -5.06 31.93
C PHE A 224 -8.69 -3.63 31.87
N ASP A 225 -8.10 -2.87 30.97
CA ASP A 225 -8.44 -1.47 30.78
C ASP A 225 -9.39 -1.33 29.60
N ALA A 226 -10.65 -1.03 29.86
CA ALA A 226 -11.69 -0.84 28.83
C ALA A 226 -11.20 -0.12 27.56
N THR A 227 -10.35 0.89 27.73
CA THR A 227 -9.82 1.68 26.65
C THR A 227 -9.07 0.82 25.62
N PHE A 228 -8.41 -0.23 26.07
CA PHE A 228 -7.64 -1.07 25.15
C PHE A 228 -8.16 -2.47 24.95
N HIS A 229 -9.37 -2.72 25.44
CA HIS A 229 -9.93 -4.06 25.36
C HIS A 229 -10.82 -4.26 24.14
N ALA A 230 -10.74 -5.45 23.55
CA ALA A 230 -11.54 -5.84 22.39
C ALA A 230 -11.22 -5.06 21.12
N LYS A 231 -9.95 -4.76 20.88
CA LYS A 231 -9.60 -4.01 19.68
C LYS A 231 -9.11 -4.88 18.56
N LYS A 232 -9.23 -4.39 17.35
CA LYS A 232 -8.88 -5.13 16.16
C LYS A 232 -7.71 -4.48 15.45
N GLN A 233 -7.20 -5.16 14.43
CA GLN A 233 -6.08 -4.65 13.68
C GLN A 233 -6.11 -5.16 12.25
N ILE A 234 -5.80 -4.27 11.30
CA ILE A 234 -5.62 -4.68 9.91
C ILE A 234 -4.25 -4.21 9.44
N PRO A 235 -3.48 -5.10 8.84
CA PRO A 235 -2.17 -4.73 8.31
C PRO A 235 -2.32 -3.98 6.99
N CYS A 236 -1.24 -3.38 6.54
CA CYS A 236 -1.29 -2.54 5.36
C CYS A 236 -0.13 -2.85 4.41
N ILE A 237 -0.47 -3.47 3.28
CA ILE A 237 0.48 -3.77 2.22
C ILE A 237 0.67 -2.54 1.35
N VAL A 238 1.90 -2.04 1.23
CA VAL A 238 2.14 -0.93 0.32
C VAL A 238 3.13 -1.35 -0.76
N SER A 239 2.64 -1.54 -1.97
CA SER A 239 3.44 -2.05 -3.08
C SER A 239 3.75 -1.08 -4.24
N MET A 240 5.04 -0.95 -4.51
CA MET A 240 5.54 -0.21 -5.66
C MET A 240 6.31 -1.23 -6.48
N LEU A 241 5.96 -2.50 -6.34
CA LEU A 241 6.64 -3.51 -7.12
C LEU A 241 6.19 -3.48 -8.57
N THR A 242 7.07 -3.86 -9.48
CA THR A 242 6.69 -3.91 -10.90
C THR A 242 6.57 -5.32 -11.42
N LYS A 243 6.78 -6.30 -10.56
CA LYS A 243 6.66 -7.70 -10.98
C LYS A 243 6.20 -8.59 -9.83
N GLU A 244 5.81 -9.79 -10.18
CA GLU A 244 5.41 -10.78 -9.20
C GLU A 244 6.62 -11.29 -8.47
N LEU A 245 6.44 -11.66 -7.21
CA LEU A 245 7.53 -12.15 -6.39
C LEU A 245 7.22 -13.55 -5.87
N TYR A 246 8.06 -14.50 -6.24
CA TYR A 246 7.94 -15.85 -5.70
C TYR A 246 9.22 -16.17 -4.95
N PHE A 247 9.10 -16.87 -3.83
CA PHE A 247 10.29 -17.18 -3.05
C PHE A 247 10.94 -18.51 -3.48
N TYR A 248 10.82 -18.82 -4.76
CA TYR A 248 11.41 -20.03 -5.31
C TYR A 248 11.59 -19.86 -6.80
N HIS A 249 11.92 -20.95 -7.48
CA HIS A 249 12.12 -20.93 -8.93
C HIS A 249 12.13 -22.32 -9.51
N ASP B 6 -12.83 -20.32 0.30
CA ASP B 6 -13.20 -18.88 0.37
C ASP B 6 -11.96 -17.99 0.49
N ASN B 7 -11.03 -18.14 -0.44
CA ASN B 7 -9.87 -17.28 -0.45
C ASN B 7 -10.17 -16.04 -1.29
N SER B 8 -11.23 -16.10 -2.09
CA SER B 8 -11.60 -14.96 -2.90
C SER B 8 -12.98 -14.40 -2.54
N TYR B 9 -13.13 -13.09 -2.68
CA TYR B 9 -14.40 -12.41 -2.40
C TYR B 9 -15.58 -12.94 -3.22
N LYS B 10 -16.74 -13.05 -2.59
CA LYS B 10 -17.96 -13.46 -3.28
C LYS B 10 -18.29 -12.36 -4.28
N MET B 11 -18.20 -12.69 -5.56
CA MET B 11 -18.44 -11.73 -6.62
C MET B 11 -19.58 -12.19 -7.52
N ASP B 12 -20.51 -12.95 -6.95
CA ASP B 12 -21.65 -13.45 -7.71
C ASP B 12 -22.98 -12.95 -7.16
N TYR B 13 -22.95 -11.79 -6.50
CA TYR B 13 -24.15 -11.11 -6.06
C TYR B 13 -24.88 -10.71 -7.35
N PRO B 14 -26.13 -10.28 -7.28
CA PRO B 14 -26.87 -9.90 -8.49
C PRO B 14 -26.22 -8.72 -9.21
N GLU B 15 -25.46 -7.90 -8.47
CA GLU B 15 -24.82 -6.71 -9.02
C GLU B 15 -23.34 -6.61 -8.63
N MET B 16 -22.47 -6.27 -9.58
CA MET B 16 -21.05 -6.08 -9.29
C MET B 16 -20.89 -4.98 -8.25
N GLY B 17 -21.56 -3.86 -8.53
CA GLY B 17 -21.54 -2.70 -7.64
C GLY B 17 -21.47 -1.36 -8.36
N LEU B 18 -21.44 -0.28 -7.57
CA LEU B 18 -21.33 1.06 -8.12
C LEU B 18 -19.88 1.42 -8.48
N CYS B 19 -19.72 2.30 -9.45
CA CYS B 19 -18.42 2.87 -9.77
C CYS B 19 -18.63 4.37 -9.91
N ILE B 20 -18.35 5.08 -8.84
CA ILE B 20 -18.49 6.53 -8.77
C ILE B 20 -17.21 7.22 -9.28
N ILE B 21 -17.33 7.97 -10.37
CA ILE B 21 -16.20 8.69 -10.92
C ILE B 21 -16.38 10.19 -10.70
N ILE B 22 -15.51 10.76 -9.90
CA ILE B 22 -15.51 12.20 -9.66
C ILE B 22 -14.44 12.80 -10.55
N ASN B 23 -14.89 13.54 -11.55
CA ASN B 23 -14.00 14.10 -12.54
C ASN B 23 -13.90 15.60 -12.44
N ASN B 24 -12.91 16.10 -11.71
CA ASN B 24 -12.74 17.54 -11.57
C ASN B 24 -11.77 18.09 -12.61
N LYS B 25 -12.28 18.97 -13.48
CA LYS B 25 -11.47 19.52 -14.58
C LYS B 25 -11.18 20.99 -14.43
N ASN B 26 -12.22 21.75 -14.07
CA ASN B 26 -12.13 23.20 -13.95
C ASN B 26 -12.26 23.65 -12.53
N PHE B 27 -11.31 24.43 -12.07
CA PHE B 27 -11.34 24.87 -10.70
C PHE B 27 -11.63 26.36 -10.60
N HIS B 28 -12.04 26.79 -9.41
CA HIS B 28 -12.31 28.19 -9.15
C HIS B 28 -11.00 28.94 -9.23
N LYS B 29 -11.02 30.07 -9.90
CA LYS B 29 -9.81 30.85 -10.08
C LYS B 29 -9.29 31.20 -8.71
N SER B 30 -10.20 31.36 -7.77
CA SER B 30 -9.89 31.67 -6.39
C SER B 30 -8.87 30.71 -5.76
N THR B 31 -8.73 29.51 -6.34
CA THR B 31 -7.82 28.49 -5.80
C THR B 31 -6.43 28.56 -6.41
N GLY B 32 -6.33 29.20 -7.57
CA GLY B 32 -5.07 29.28 -8.28
C GLY B 32 -4.68 27.90 -8.78
N MET B 33 -5.60 27.25 -9.49
CA MET B 33 -5.35 25.91 -9.99
C MET B 33 -5.71 25.76 -11.48
N THR B 34 -4.79 25.15 -12.23
CA THR B 34 -4.98 25.00 -13.66
C THR B 34 -6.02 23.95 -14.03
N SER B 35 -6.58 24.07 -15.24
CA SER B 35 -7.52 23.09 -15.73
C SER B 35 -6.81 21.77 -15.89
N ARG B 36 -7.50 20.66 -15.65
CA ARG B 36 -6.84 19.38 -15.80
C ARG B 36 -7.05 18.80 -17.21
N SER B 37 -6.46 19.47 -18.19
CA SER B 37 -6.56 19.06 -19.59
C SER B 37 -6.32 17.57 -19.70
N GLY B 38 -7.22 16.88 -20.38
CA GLY B 38 -7.06 15.44 -20.63
C GLY B 38 -7.84 14.53 -19.70
N THR B 39 -8.31 15.07 -18.58
CA THR B 39 -9.01 14.26 -17.60
C THR B 39 -10.31 13.67 -18.13
N ASP B 40 -10.89 14.30 -19.15
CA ASP B 40 -12.12 13.79 -19.77
C ASP B 40 -11.83 12.46 -20.44
N VAL B 41 -10.69 12.38 -21.13
CA VAL B 41 -10.29 11.11 -21.71
C VAL B 41 -10.16 10.05 -20.59
N ASP B 42 -9.62 10.43 -19.44
CA ASP B 42 -9.54 9.50 -18.32
C ASP B 42 -10.95 9.03 -17.93
N ALA B 43 -11.85 9.99 -17.76
CA ALA B 43 -13.21 9.69 -17.36
C ALA B 43 -13.90 8.75 -18.31
N ALA B 44 -13.75 9.01 -19.60
CA ALA B 44 -14.45 8.24 -20.59
C ALA B 44 -13.90 6.80 -20.63
N ASN B 45 -12.59 6.69 -20.41
CA ASN B 45 -11.93 5.39 -20.42
C ASN B 45 -12.35 4.52 -19.21
N LEU B 46 -12.45 5.15 -18.05
CA LEU B 46 -12.88 4.42 -16.86
C LEU B 46 -14.33 3.96 -16.99
N ARG B 47 -15.16 4.81 -17.55
CA ARG B 47 -16.57 4.51 -17.74
C ARG B 47 -16.73 3.29 -18.63
N GLU B 48 -16.05 3.27 -19.76
CA GLU B 48 -16.21 2.16 -20.69
C GLU B 48 -15.61 0.90 -20.11
N THR B 49 -14.48 1.06 -19.45
CA THR B 49 -13.78 -0.07 -18.86
C THR B 49 -14.63 -0.65 -17.73
N PHE B 50 -15.17 0.19 -16.87
CA PHE B 50 -15.93 -0.37 -15.77
C PHE B 50 -17.30 -0.91 -16.22
N ARG B 51 -17.76 -0.39 -17.34
CA ARG B 51 -19.00 -0.82 -17.91
C ARG B 51 -18.84 -2.26 -18.39
N ASN B 52 -17.69 -2.56 -18.98
CA ASN B 52 -17.51 -3.92 -19.44
C ASN B 52 -17.29 -4.89 -18.26
N LEU B 53 -16.94 -4.35 -17.11
CA LEU B 53 -16.77 -5.19 -15.94
C LEU B 53 -18.10 -5.46 -15.24
N LYS B 54 -19.15 -4.82 -15.75
CA LYS B 54 -20.52 -4.95 -15.24
C LYS B 54 -20.83 -4.07 -14.04
N TYR B 55 -20.14 -2.93 -13.95
CA TYR B 55 -20.39 -2.00 -12.84
C TYR B 55 -21.40 -0.94 -13.23
N GLU B 56 -22.20 -0.51 -12.26
CA GLU B 56 -23.12 0.59 -12.51
C GLU B 56 -22.30 1.87 -12.40
N VAL B 57 -22.07 2.53 -13.53
CA VAL B 57 -21.22 3.71 -13.52
C VAL B 57 -21.98 5.02 -13.43
N ARG B 58 -21.57 5.87 -12.48
CA ARG B 58 -22.15 7.19 -12.34
C ARG B 58 -21.04 8.21 -12.35
N ASN B 59 -20.97 9.01 -13.41
CA ASN B 59 -19.97 10.07 -13.57
C ASN B 59 -20.41 11.37 -12.91
N LYS B 60 -19.47 12.08 -12.28
CA LYS B 60 -19.78 13.39 -11.70
C LYS B 60 -18.67 14.37 -12.04
N ASN B 61 -19.01 15.44 -12.76
CA ASN B 61 -18.02 16.41 -13.21
C ASN B 61 -17.94 17.72 -12.41
N ASP B 62 -16.73 18.13 -12.07
CA ASP B 62 -16.50 19.41 -11.39
C ASP B 62 -17.33 19.61 -10.13
N LEU B 63 -17.05 18.82 -9.10
CA LEU B 63 -17.74 18.93 -7.82
C LEU B 63 -16.94 19.77 -6.85
N THR B 64 -17.66 20.48 -5.99
CA THR B 64 -17.03 21.27 -4.95
C THR B 64 -16.72 20.36 -3.78
N ARG B 65 -15.85 20.83 -2.90
CA ARG B 65 -15.47 20.06 -1.74
C ARG B 65 -16.75 19.57 -1.08
N GLU B 66 -17.71 20.47 -0.91
CA GLU B 66 -19.00 20.14 -0.31
C GLU B 66 -19.75 19.08 -1.10
N GLU B 67 -19.82 19.26 -2.41
CA GLU B 67 -20.55 18.32 -3.23
C GLU B 67 -19.96 16.91 -3.14
N ILE B 68 -18.65 16.82 -2.96
CA ILE B 68 -17.98 15.54 -2.84
C ILE B 68 -18.32 14.85 -1.51
N VAL B 69 -18.22 15.59 -0.42
CA VAL B 69 -18.60 15.02 0.86
C VAL B 69 -20.05 14.55 0.79
N GLU B 70 -20.92 15.39 0.26
CA GLU B 70 -22.33 15.06 0.14
C GLU B 70 -22.58 13.85 -0.75
N LEU B 71 -21.88 13.78 -1.88
CA LEU B 71 -22.07 12.67 -2.80
C LEU B 71 -21.70 11.34 -2.11
N MET B 72 -20.56 11.36 -1.44
CA MET B 72 -20.07 10.19 -0.71
C MET B 72 -20.99 9.80 0.44
N ARG B 73 -21.47 10.78 1.18
CA ARG B 73 -22.37 10.47 2.29
C ARG B 73 -23.60 9.74 1.75
N ASP B 74 -24.25 10.30 0.74
CA ASP B 74 -25.47 9.72 0.18
C ASP B 74 -25.17 8.34 -0.33
N VAL B 75 -24.07 8.18 -1.04
CA VAL B 75 -23.75 6.86 -1.59
C VAL B 75 -23.51 5.83 -0.48
N SER B 76 -22.87 6.26 0.60
CA SER B 76 -22.65 5.33 1.68
C SER B 76 -23.97 4.98 2.36
N LYS B 77 -24.99 5.81 2.16
CA LYS B 77 -26.27 5.57 2.80
C LYS B 77 -27.23 4.71 1.99
N GLU B 78 -26.78 4.32 0.81
CA GLU B 78 -27.55 3.44 -0.05
C GLU B 78 -27.52 2.01 0.48
N ASP B 79 -28.46 1.20 0.00
CA ASP B 79 -28.50 -0.21 0.37
C ASP B 79 -27.67 -0.97 -0.63
N HIS B 80 -26.48 -1.39 -0.22
CA HIS B 80 -25.61 -2.12 -1.12
C HIS B 80 -25.73 -3.61 -0.95
N SER B 81 -26.70 -4.04 -0.16
CA SER B 81 -26.86 -5.47 0.11
C SER B 81 -26.74 -6.36 -1.13
N LYS B 82 -27.28 -5.93 -2.27
CA LYS B 82 -27.25 -6.74 -3.47
C LYS B 82 -26.04 -6.48 -4.35
N ARG B 83 -25.09 -5.69 -3.85
CA ARG B 83 -23.89 -5.34 -4.63
C ARG B 83 -22.63 -6.10 -4.13
N SER B 84 -21.80 -6.55 -5.06
CA SER B 84 -20.61 -7.30 -4.69
C SER B 84 -19.51 -6.43 -4.11
N SER B 85 -19.35 -5.24 -4.67
CA SER B 85 -18.24 -4.39 -4.28
C SER B 85 -18.56 -2.92 -4.39
N PHE B 86 -17.52 -2.10 -4.30
CA PHE B 86 -17.67 -0.66 -4.41
C PHE B 86 -16.41 0.02 -4.97
N VAL B 87 -16.59 0.79 -6.04
CA VAL B 87 -15.47 1.45 -6.69
C VAL B 87 -15.72 2.94 -6.77
N CYS B 88 -14.71 3.72 -6.40
CA CYS B 88 -14.76 5.16 -6.48
C CYS B 88 -13.48 5.65 -7.10
N VAL B 89 -13.57 6.49 -8.10
CA VAL B 89 -12.39 6.98 -8.80
C VAL B 89 -12.35 8.50 -8.68
N LEU B 90 -11.26 9.02 -8.13
CA LEU B 90 -11.12 10.46 -7.93
C LEU B 90 -10.08 11.02 -8.89
N LEU B 91 -10.52 11.89 -9.78
CA LEU B 91 -9.63 12.49 -10.76
C LEU B 91 -9.56 13.99 -10.45
N SER B 92 -8.42 14.45 -9.97
CA SER B 92 -8.32 15.84 -9.59
C SER B 92 -6.92 16.20 -9.16
N HIS B 93 -6.72 17.45 -8.76
CA HIS B 93 -5.46 17.85 -8.17
C HIS B 93 -5.50 17.32 -6.74
N GLY B 94 -4.34 17.23 -6.12
CA GLY B 94 -4.25 16.80 -4.74
C GLY B 94 -2.90 17.02 -4.08
N GLU B 95 -2.85 16.66 -2.80
CA GLU B 95 -1.65 16.71 -1.97
C GLU B 95 -1.71 15.46 -1.10
N GLU B 96 -0.65 15.18 -0.34
CA GLU B 96 -0.67 14.03 0.54
C GLU B 96 -1.94 13.97 1.36
N GLY B 97 -2.69 12.88 1.23
CA GLY B 97 -3.91 12.68 2.01
C GLY B 97 -5.06 13.59 1.62
N ILE B 98 -4.88 14.33 0.53
CA ILE B 98 -5.87 15.29 0.11
C ILE B 98 -6.26 15.23 -1.38
N ILE B 99 -7.54 15.47 -1.64
CA ILE B 99 -8.05 15.56 -3.00
C ILE B 99 -8.80 16.90 -3.11
N PHE B 100 -8.65 17.59 -4.24
CA PHE B 100 -9.30 18.89 -4.38
C PHE B 100 -10.64 18.90 -5.07
N GLY B 101 -11.61 19.51 -4.41
CA GLY B 101 -12.86 19.86 -5.05
C GLY B 101 -12.56 21.12 -5.87
N THR B 102 -13.51 21.57 -6.68
CA THR B 102 -13.31 22.74 -7.53
C THR B 102 -12.96 23.98 -6.73
N ASN B 103 -13.47 24.05 -5.52
CA ASN B 103 -13.28 25.23 -4.72
C ASN B 103 -12.39 25.04 -3.51
N GLY B 104 -11.75 23.87 -3.41
CA GLY B 104 -10.92 23.59 -2.24
C GLY B 104 -10.68 22.12 -1.94
N PRO B 105 -9.85 21.87 -0.94
CA PRO B 105 -9.36 20.51 -0.66
C PRO B 105 -10.28 19.71 0.23
N VAL B 106 -10.20 18.40 0.06
CA VAL B 106 -10.96 17.48 0.90
C VAL B 106 -10.03 16.39 1.39
N ASP B 107 -10.13 16.02 2.66
CA ASP B 107 -9.32 14.93 3.20
C ASP B 107 -9.82 13.60 2.67
N LEU B 108 -8.91 12.78 2.18
CA LEU B 108 -9.33 11.50 1.64
C LEU B 108 -9.97 10.67 2.74
N LYS B 109 -9.45 10.85 3.94
CA LYS B 109 -9.94 10.08 5.09
C LYS B 109 -11.43 10.33 5.29
N LYS B 110 -11.86 11.56 5.10
CA LYS B 110 -13.27 11.88 5.23
C LYS B 110 -14.09 11.11 4.19
N ILE B 111 -13.58 11.04 2.96
CA ILE B 111 -14.31 10.33 1.92
C ILE B 111 -14.42 8.85 2.25
N THR B 112 -13.29 8.22 2.57
CA THR B 112 -13.30 6.79 2.81
C THR B 112 -13.98 6.35 4.12
N ASN B 113 -14.03 7.26 5.09
CA ASN B 113 -14.63 6.96 6.38
C ASN B 113 -16.10 6.56 6.25
N PHE B 114 -16.83 7.22 5.35
CA PHE B 114 -18.21 6.87 5.16
C PHE B 114 -18.35 5.38 4.88
N PHE B 115 -17.29 4.76 4.40
CA PHE B 115 -17.37 3.37 4.01
C PHE B 115 -16.79 2.39 5.03
N ARG B 116 -16.27 2.91 6.13
CA ARG B 116 -15.83 2.03 7.22
C ARG B 116 -16.82 0.89 7.49
N GLY B 117 -16.28 -0.29 7.81
CA GLY B 117 -17.10 -1.46 8.04
C GLY B 117 -18.20 -1.26 9.07
N ASP B 118 -18.00 -0.33 9.99
CA ASP B 118 -19.03 -0.02 10.98
C ASP B 118 -20.02 1.08 10.54
N ARG B 119 -19.70 1.81 9.48
CA ARG B 119 -20.60 2.88 9.05
C ARG B 119 -21.37 2.61 7.76
N CYS B 120 -21.00 1.55 7.05
CA CYS B 120 -21.70 1.17 5.83
C CYS B 120 -21.90 -0.33 5.83
N ARG B 121 -22.84 -0.76 6.67
CA ARG B 121 -23.11 -2.17 6.94
C ARG B 121 -23.43 -3.03 5.75
N SER B 122 -23.89 -2.43 4.65
CA SER B 122 -24.23 -3.26 3.50
C SER B 122 -22.97 -3.53 2.67
N LEU B 123 -21.86 -2.99 3.11
CA LEU B 123 -20.61 -3.20 2.40
C LEU B 123 -19.59 -3.90 3.30
N THR B 124 -19.96 -4.12 4.56
CA THR B 124 -19.09 -4.88 5.46
C THR B 124 -18.74 -6.20 4.82
N GLY B 125 -17.44 -6.50 4.72
CA GLY B 125 -17.01 -7.77 4.18
C GLY B 125 -16.92 -7.75 2.68
N LYS B 126 -17.13 -6.58 2.11
CA LYS B 126 -17.02 -6.45 0.70
C LYS B 126 -15.90 -5.48 0.37
N PRO B 127 -15.22 -5.76 -0.74
CA PRO B 127 -14.09 -4.95 -1.17
C PRO B 127 -14.57 -3.57 -1.60
N LYS B 128 -13.86 -2.55 -1.12
CA LYS B 128 -14.14 -1.15 -1.37
C LYS B 128 -12.91 -0.55 -2.03
N LEU B 129 -12.97 -0.30 -3.33
CA LEU B 129 -11.83 0.22 -4.08
C LEU B 129 -11.84 1.73 -4.28
N PHE B 130 -10.76 2.39 -3.94
CA PHE B 130 -10.60 3.81 -4.21
C PHE B 130 -9.43 4.01 -5.16
N ILE B 131 -9.71 4.55 -6.34
CA ILE B 131 -8.67 4.75 -7.35
C ILE B 131 -8.48 6.24 -7.44
N ILE B 132 -7.27 6.70 -7.14
CA ILE B 132 -6.96 8.11 -7.01
C ILE B 132 -5.85 8.66 -7.89
N GLN B 133 -6.23 9.50 -8.84
CA GLN B 133 -5.29 10.12 -9.75
C GLN B 133 -5.21 11.54 -9.24
N ALA B 134 -4.15 11.82 -8.52
CA ALA B 134 -3.91 13.12 -7.94
C ALA B 134 -2.51 13.15 -7.34
N CYS B 135 -1.91 14.35 -7.26
CA CYS B 135 -0.59 14.46 -6.67
C CYS B 135 -0.62 14.25 -5.17
N ARG B 136 0.51 13.81 -4.64
CA ARG B 136 0.67 13.53 -3.22
C ARG B 136 1.88 14.29 -2.74
N GLY B 137 2.19 15.37 -3.43
CA GLY B 137 3.31 16.19 -3.04
C GLY B 137 4.02 16.80 -4.22
N THR B 138 5.21 17.33 -3.98
CA THR B 138 5.94 18.03 -5.02
C THR B 138 7.28 17.39 -5.32
N GLU B 139 7.52 16.21 -4.76
CA GLU B 139 8.77 15.53 -5.06
C GLU B 139 8.75 14.99 -6.48
N LEU B 140 9.91 15.02 -7.12
CA LEU B 140 10.07 14.53 -8.48
C LEU B 140 10.96 13.31 -8.48
N ASP B 141 10.73 12.41 -9.42
CA ASP B 141 11.51 11.19 -9.51
C ASP B 141 12.29 11.23 -10.83
N CYS B 142 13.61 11.36 -10.72
CA CYS B 142 14.46 11.48 -11.90
C CYS B 142 14.84 10.15 -12.51
N GLY B 143 14.57 9.07 -11.78
CA GLY B 143 14.82 7.74 -12.30
C GLY B 143 16.29 7.40 -12.45
N ILE B 144 16.54 6.15 -12.82
CA ILE B 144 17.89 5.63 -13.03
C ILE B 144 17.91 4.82 -14.32
N GLU B 145 18.98 4.98 -15.11
CA GLU B 145 19.11 4.24 -16.38
C GLU B 145 19.21 2.73 -16.17
N THR B 146 18.68 1.97 -17.12
CA THR B 146 18.75 0.52 -17.04
C THR B 146 19.59 -0.05 -18.18
N ASP B 151 -4.51 -20.90 23.70
CA ASP B 151 -4.72 -19.48 23.50
C ASP B 151 -6.21 -19.13 23.37
N ASP B 152 -6.49 -17.88 23.01
CA ASP B 152 -7.86 -17.37 22.91
C ASP B 152 -8.38 -17.23 21.48
N ASP B 153 -9.66 -17.51 21.27
CA ASP B 153 -10.30 -17.38 19.98
C ASP B 153 -10.96 -16.01 19.82
N CYS B 156 -16.03 -10.66 19.68
CA CYS B 156 -16.65 -11.95 19.41
C CYS B 156 -16.17 -12.46 18.06
N HIS B 157 -16.90 -12.10 17.02
CA HIS B 157 -16.46 -12.40 15.67
C HIS B 157 -16.51 -11.06 14.97
N LYS B 158 -15.51 -10.25 15.27
CA LYS B 158 -15.41 -8.93 14.70
C LYS B 158 -14.36 -8.91 13.62
N ILE B 159 -14.49 -7.95 12.70
CA ILE B 159 -13.45 -7.67 11.75
C ILE B 159 -13.14 -6.20 11.91
N PRO B 160 -11.92 -5.80 11.59
CA PRO B 160 -11.54 -4.39 11.68
C PRO B 160 -12.41 -3.55 10.77
N VAL B 161 -12.70 -2.32 11.19
CA VAL B 161 -13.50 -1.42 10.38
C VAL B 161 -12.71 -0.85 9.20
N ASP B 162 -11.38 -0.87 9.26
CA ASP B 162 -10.60 -0.31 8.17
C ASP B 162 -10.23 -1.40 7.17
N ALA B 163 -10.69 -2.61 7.46
CA ALA B 163 -10.47 -3.75 6.59
C ALA B 163 -11.30 -3.73 5.30
N ASP B 164 -10.81 -4.49 4.32
CA ASP B 164 -11.43 -4.65 3.01
C ASP B 164 -11.40 -3.40 2.16
N PHE B 165 -10.44 -2.53 2.46
CA PHE B 165 -10.22 -1.37 1.64
C PHE B 165 -9.03 -1.58 0.73
N LEU B 166 -9.09 -0.99 -0.46
CA LEU B 166 -7.96 -1.01 -1.38
C LEU B 166 -7.85 0.38 -1.99
N TYR B 167 -6.67 0.96 -1.87
CA TYR B 167 -6.45 2.30 -2.36
C TYR B 167 -5.41 2.23 -3.45
N ALA B 168 -5.86 2.38 -4.69
CA ALA B 168 -4.94 2.32 -5.81
C ALA B 168 -4.50 3.75 -6.12
N TYR B 169 -3.31 4.11 -5.63
CA TYR B 169 -2.80 5.46 -5.81
C TYR B 169 -2.00 5.58 -7.10
N SER B 170 -2.18 6.67 -7.83
CA SER B 170 -1.44 6.88 -9.07
C SER B 170 0.04 7.13 -8.83
N THR B 171 0.42 7.42 -7.59
CA THR B 171 1.84 7.67 -7.33
C THR B 171 2.24 7.46 -5.87
N ALA B 172 3.56 7.43 -5.65
CA ALA B 172 4.14 7.21 -4.35
C ALA B 172 3.86 8.40 -3.48
N PRO B 173 3.85 8.17 -2.17
CA PRO B 173 3.68 9.25 -1.20
C PRO B 173 4.71 10.37 -1.39
N GLY B 174 4.26 11.63 -1.33
CA GLY B 174 5.10 12.80 -1.44
C GLY B 174 5.39 13.25 -2.87
N TYR B 175 5.00 12.44 -3.85
CA TYR B 175 5.36 12.72 -5.23
C TYR B 175 4.27 13.32 -6.13
N TYR B 176 4.74 13.97 -7.19
CA TYR B 176 3.90 14.50 -8.24
C TYR B 176 3.26 13.31 -8.95
N SER B 177 2.14 13.55 -9.61
CA SER B 177 1.47 12.54 -10.42
C SER B 177 1.36 13.12 -11.83
N TRP B 178 1.66 12.34 -12.85
CA TRP B 178 1.70 12.87 -14.24
C TRP B 178 0.43 12.67 -15.12
N ARG B 179 0.06 13.74 -15.82
CA ARG B 179 -1.12 13.73 -16.66
C ARG B 179 -0.78 14.32 -18.01
N ASN B 180 -0.99 13.54 -19.08
CA ASN B 180 -0.76 14.04 -20.43
C ASN B 180 -2.01 14.70 -21.00
N SER B 181 -1.82 15.86 -21.61
CA SER B 181 -2.88 16.73 -22.10
C SER B 181 -3.85 16.13 -23.09
N LYS B 182 -3.40 15.15 -23.87
CA LYS B 182 -4.26 14.62 -24.89
C LYS B 182 -4.69 13.20 -24.62
N ASP B 183 -3.85 12.44 -23.94
CA ASP B 183 -4.16 11.05 -23.69
C ASP B 183 -4.61 10.75 -22.25
N GLY B 184 -4.51 11.72 -21.35
CA GLY B 184 -4.92 11.47 -19.98
C GLY B 184 -3.75 11.20 -19.04
N SER B 185 -4.04 10.72 -17.84
CA SER B 185 -2.96 10.48 -16.87
C SER B 185 -2.30 9.18 -17.21
N TRP B 186 -1.02 9.09 -16.92
CA TRP B 186 -0.29 7.88 -17.18
C TRP B 186 -0.95 6.72 -16.46
N PHE B 187 -1.32 6.96 -15.20
CA PHE B 187 -1.90 5.90 -14.37
C PHE B 187 -3.22 5.37 -14.87
N ILE B 188 -4.15 6.28 -15.18
CA ILE B 188 -5.49 5.87 -15.62
C ILE B 188 -5.43 5.16 -16.97
N GLN B 189 -4.62 5.66 -17.91
CA GLN B 189 -4.52 4.94 -19.19
C GLN B 189 -4.03 3.52 -18.97
N SER B 190 -3.00 3.34 -18.15
CA SER B 190 -2.47 2.01 -17.87
C SER B 190 -3.45 1.11 -17.10
N LEU B 191 -4.10 1.66 -16.08
CA LEU B 191 -5.08 0.87 -15.37
C LEU B 191 -6.13 0.30 -16.32
N CYS B 192 -6.72 1.18 -17.13
CA CYS B 192 -7.76 0.78 -18.06
C CYS B 192 -7.24 -0.30 -18.99
N ALA B 193 -6.08 -0.06 -19.60
CA ALA B 193 -5.53 -1.04 -20.51
C ALA B 193 -5.29 -2.38 -19.84
N MET B 194 -4.78 -2.35 -18.61
CA MET B 194 -4.48 -3.60 -17.95
C MET B 194 -5.79 -4.31 -17.60
N LEU B 195 -6.79 -3.54 -17.19
CA LEU B 195 -8.08 -4.13 -16.91
C LEU B 195 -8.70 -4.77 -18.15
N LYS B 196 -8.60 -4.10 -19.29
CA LYS B 196 -9.18 -4.64 -20.51
C LYS B 196 -8.50 -5.92 -20.92
N GLN B 197 -7.19 -5.96 -20.71
CA GLN B 197 -6.41 -7.12 -21.09
C GLN B 197 -6.50 -8.27 -20.09
N TYR B 198 -6.61 -7.96 -18.80
CA TYR B 198 -6.47 -9.02 -17.80
C TYR B 198 -7.59 -9.27 -16.79
N ALA B 199 -8.62 -8.42 -16.80
CA ALA B 199 -9.70 -8.58 -15.83
C ALA B 199 -10.42 -9.92 -15.91
N ASP B 200 -10.29 -10.61 -17.04
CA ASP B 200 -10.99 -11.87 -17.15
C ASP B 200 -10.17 -13.06 -16.64
N LYS B 201 -8.88 -12.85 -16.37
CA LYS B 201 -8.06 -13.96 -15.89
C LYS B 201 -7.24 -13.69 -14.60
N LEU B 202 -6.79 -12.45 -14.38
CA LEU B 202 -5.89 -12.16 -13.25
C LEU B 202 -6.50 -11.57 -12.00
N GLU B 203 -5.94 -11.92 -10.85
CA GLU B 203 -6.38 -11.34 -9.57
C GLU B 203 -6.07 -9.85 -9.57
N PHE B 204 -6.93 -9.05 -8.96
CA PHE B 204 -6.72 -7.60 -8.95
C PHE B 204 -5.27 -7.19 -8.61
N MET B 205 -4.76 -7.60 -7.45
CA MET B 205 -3.39 -7.21 -7.10
C MET B 205 -2.38 -7.43 -8.23
N HIS B 206 -2.50 -8.55 -8.92
CA HIS B 206 -1.54 -8.86 -9.95
C HIS B 206 -1.75 -7.93 -11.14
N ILE B 207 -3.01 -7.60 -11.39
CA ILE B 207 -3.29 -6.71 -12.47
C ILE B 207 -2.67 -5.36 -12.14
N LEU B 208 -2.80 -4.95 -10.89
CA LEU B 208 -2.29 -3.63 -10.49
C LEU B 208 -0.75 -3.58 -10.53
N THR B 209 -0.12 -4.74 -10.42
CA THR B 209 1.33 -4.81 -10.49
C THR B 209 1.75 -4.59 -11.95
N ARG B 210 0.97 -5.15 -12.89
CA ARG B 210 1.19 -4.92 -14.31
C ARG B 210 1.14 -3.39 -14.57
N VAL B 211 0.18 -2.71 -13.95
CA VAL B 211 0.02 -1.27 -14.10
C VAL B 211 1.27 -0.56 -13.60
N ASN B 212 1.70 -0.92 -12.40
CA ASN B 212 2.93 -0.38 -11.84
C ASN B 212 4.07 -0.46 -12.85
N ARG B 213 4.21 -1.64 -13.45
CA ARG B 213 5.26 -1.86 -14.43
C ARG B 213 5.10 -0.98 -15.67
N LYS B 214 3.89 -0.96 -16.22
CA LYS B 214 3.65 -0.20 -17.43
C LYS B 214 3.96 1.29 -17.21
N VAL B 215 3.43 1.84 -16.13
CA VAL B 215 3.71 3.23 -15.79
C VAL B 215 5.20 3.47 -15.60
N ALA B 216 5.85 2.58 -14.86
CA ALA B 216 7.28 2.71 -14.56
C ALA B 216 8.24 2.56 -15.76
N THR B 217 7.86 1.77 -16.77
CA THR B 217 8.75 1.54 -17.88
C THR B 217 8.43 2.37 -19.11
N GLU B 218 7.15 2.47 -19.43
CA GLU B 218 6.72 3.08 -20.69
C GLU B 218 6.48 4.56 -20.64
N PHE B 219 6.56 5.18 -19.48
CA PHE B 219 6.29 6.61 -19.42
C PHE B 219 7.47 7.42 -18.92
N GLU B 220 7.70 8.58 -19.54
CA GLU B 220 8.70 9.54 -19.08
C GLU B 220 8.31 10.95 -19.52
N SER B 221 8.35 11.91 -18.61
CA SER B 221 7.91 13.26 -18.93
C SER B 221 8.81 13.95 -19.94
N PHE B 222 8.21 14.81 -20.74
CA PHE B 222 8.96 15.59 -21.70
C PHE B 222 8.47 17.01 -21.47
N SER B 223 9.38 17.91 -21.14
CA SER B 223 9.01 19.29 -20.86
C SER B 223 10.07 20.26 -21.30
N PHE B 224 9.64 21.44 -21.77
CA PHE B 224 10.56 22.48 -22.20
C PHE B 224 11.30 23.04 -21.01
N ASP B 225 10.75 22.80 -19.83
CA ASP B 225 11.30 23.31 -18.58
C ASP B 225 12.11 22.21 -17.89
N ALA B 226 13.44 22.34 -17.95
CA ALA B 226 14.38 21.38 -17.36
C ALA B 226 13.92 20.74 -16.05
N THR B 227 13.33 21.56 -15.19
CA THR B 227 12.86 21.14 -13.87
C THR B 227 11.81 20.02 -13.96
N PHE B 228 11.05 19.98 -15.05
CA PHE B 228 9.99 18.98 -15.17
C PHE B 228 10.19 17.98 -16.29
N HIS B 229 11.36 18.02 -16.90
CA HIS B 229 11.64 17.15 -18.03
C HIS B 229 12.32 15.84 -17.62
N ALA B 230 11.97 14.76 -18.31
CA ALA B 230 12.54 13.44 -18.08
C ALA B 230 12.26 12.85 -16.69
N LYS B 231 11.04 13.03 -16.21
CA LYS B 231 10.71 12.50 -14.90
C LYS B 231 9.96 11.18 -14.98
N LYS B 232 10.04 10.41 -13.92
CA LYS B 232 9.39 9.11 -13.87
C LYS B 232 8.30 9.09 -12.81
N GLN B 233 7.55 8.00 -12.78
CA GLN B 233 6.49 7.85 -11.85
C GLN B 233 6.25 6.38 -11.53
N ILE B 234 6.01 6.10 -10.25
CA ILE B 234 5.62 4.76 -9.81
C ILE B 234 4.33 4.86 -9.03
N PRO B 235 3.35 4.03 -9.39
CA PRO B 235 2.08 4.01 -8.67
C PRO B 235 2.21 3.27 -7.33
N CYS B 236 1.23 3.44 -6.45
CA CYS B 236 1.29 2.88 -5.10
C CYS B 236 0.01 2.13 -4.74
N ILE B 237 0.11 0.80 -4.69
CA ILE B 237 -0.99 -0.09 -4.33
C ILE B 237 -1.06 -0.20 -2.83
N VAL B 238 -2.15 0.27 -2.21
CA VAL B 238 -2.30 0.18 -0.75
C VAL B 238 -3.48 -0.74 -0.40
N SER B 239 -3.16 -1.97 0.01
CA SER B 239 -4.15 -3.01 0.28
C SER B 239 -4.36 -3.46 1.73
N MET B 240 -5.61 -3.39 2.15
CA MET B 240 -6.09 -3.92 3.42
C MET B 240 -7.15 -4.94 3.10
N LEU B 241 -7.04 -5.52 1.90
CA LEU B 241 -7.97 -6.58 1.49
C LEU B 241 -7.68 -7.85 2.25
N THR B 242 -8.69 -8.64 2.54
CA THR B 242 -8.44 -9.90 3.23
C THR B 242 -8.69 -11.05 2.30
N LYS B 243 -8.96 -10.75 1.04
CA LYS B 243 -9.26 -11.80 0.08
C LYS B 243 -8.82 -11.44 -1.32
N GLU B 244 -8.73 -12.44 -2.18
CA GLU B 244 -8.37 -12.18 -3.56
C GLU B 244 -9.58 -11.58 -4.26
N LEU B 245 -9.33 -10.75 -5.26
CA LEU B 245 -10.39 -10.08 -5.98
C LEU B 245 -10.33 -10.44 -7.45
N TYR B 246 -11.40 -11.02 -7.97
CA TYR B 246 -11.48 -11.32 -9.40
C TYR B 246 -12.71 -10.65 -9.95
N PHE B 247 -12.64 -10.10 -11.15
CA PHE B 247 -13.80 -9.42 -11.69
C PHE B 247 -14.72 -10.31 -12.51
N TYR B 248 -14.74 -11.58 -12.16
CA TYR B 248 -15.58 -12.53 -12.84
C TYR B 248 -15.90 -13.64 -11.86
N HIS B 249 -16.56 -14.69 -12.34
CA HIS B 249 -16.88 -15.85 -11.51
C HIS B 249 -17.30 -17.05 -12.36
O35 160 C . -3.51 -4.24 26.14
C18 160 C . -2.35 -4.52 25.89
C19 160 C . -2.05 -5.78 25.15
S20 160 C . -3.45 -6.69 24.84
C21 160 C . -2.43 -7.78 24.08
S24 160 C . -3.09 -9.23 23.35
O33 160 C . -2.27 -9.56 22.17
O34 160 C . -3.05 -10.34 24.33
C25 160 C . -4.78 -8.94 22.86
C22 160 C . -1.07 -7.52 24.03
C23 160 C . -0.85 -6.31 24.68
N17 160 C . -1.37 -3.73 26.29
C16 160 C . -1.62 -2.76 27.35
C15 160 C . -1.98 -1.39 26.80
S14 160 C . -0.53 -0.68 26.00
S13 160 C . -0.70 1.33 26.08
C12 160 C . -0.10 1.87 24.46
C8 160 C . -0.25 0.74 23.47
C9 160 C . -1.50 0.37 22.97
C10 160 C . -1.62 -0.67 22.05
C11 160 C . -0.48 -1.35 21.61
C7 160 C . 0.88 0.05 23.02
C6 160 C . 0.77 -0.99 22.11
S5 160 C . 2.19 -1.82 21.59
O27 160 C . 1.91 -3.28 21.50
O28 160 C . 3.30 -1.56 22.53
N4 160 C . 2.61 -1.22 20.04
C3 160 C . 3.92 -0.67 19.87
C2 160 C . 3.82 0.76 19.46
O26 160 C . 4.45 1.14 18.49
C1 160 C . 2.95 1.70 20.25
C29 160 C . 4.58 -1.48 18.77
C30 160 C . 5.34 -2.66 19.36
O31 160 C . 5.92 -2.53 20.42
O32 160 C . 5.41 -3.81 18.70
O35 160 D . 2.14 18.49 -17.03
C18 160 D . 3.16 18.84 -17.61
C19 160 D . 3.84 17.89 -18.51
S20 160 D . 2.92 16.50 -18.80
C21 160 D . 4.20 15.98 -19.75
S24 160 D . 4.08 14.43 -20.56
O33 160 D . 5.36 13.72 -20.41
O34 160 D . 2.93 13.71 -19.96
C25 160 D . 3.77 14.69 -22.30
C22 160 D . 5.29 16.79 -19.90
C23 160 D . 5.08 17.93 -19.15
N17 160 D . 3.67 20.06 -17.47
C16 160 D . 4.35 20.45 -16.26
C15 160 D . 3.46 21.31 -15.38
S14 160 D . 4.41 22.05 -14.02
S13 160 D . 2.97 22.42 -12.64
C12 160 D . 3.39 21.20 -11.38
C8 160 D . 3.09 19.84 -11.96
C9 160 D . 4.12 19.00 -12.38
C10 160 D . 3.81 17.75 -12.92
C11 160 D . 2.50 17.33 -13.06
C7 160 D . 1.78 19.41 -12.11
C6 160 D . 1.49 18.18 -12.65
S5 160 D . -0.15 17.69 -12.79
O27 160 D . -0.30 16.76 -13.94
O28 160 D . -1.02 18.87 -12.94
N4 160 D . -0.54 16.83 -11.38
C3 160 D . -1.79 17.09 -10.74
C2 160 D . -1.43 17.53 -9.35
O26 160 D . -2.23 17.51 -8.43
C1 160 D . -0.04 18.01 -9.11
C29 160 D . -2.61 15.79 -10.80
C30 160 D . -3.49 15.78 -12.02
O31 160 D . -3.85 16.83 -12.51
O32 160 D . -3.91 14.66 -12.61
#